data_1L4K
#
_entry.id   1L4K
#
_cell.length_a   71.900
_cell.length_b   90.030
_cell.length_c   47.570
_cell.angle_alpha   90.00
_cell.angle_beta   90.00
_cell.angle_gamma   90.00
#
_symmetry.space_group_name_H-M   'P 21 21 2'
#
loop_
_entity.id
_entity.type
_entity.pdbx_description
1 polymer 'Nicotinate-nucleotide--dimethylbenzimidazole phosphoribosyltransferase'
2 non-polymer 3,4-DIMETHYLANILINE
3 non-polymer 'NICOTINATE MONONUCLEOTIDE'
4 water water
#
_entity_poly.entity_id   1
_entity_poly.type   'polypeptide(L)'
_entity_poly.pdbx_seq_one_letter_code
;MQTLHALLRDIPAPDAEAMARTQQHIDGLLKPPGSLGRLETLAVQLAGMPGLNGTPQVGEKAVLVMCADHGVWDEGVAVS
PKIVTAIQAANMTRGTTGVCVLAAQAGAKVHVIDVGIDAEPIPGVVNMRVARGCGNIAVGPAMSRLQAEALLLEVSRYTC
DLAQRGVTLFGVGELGMANTTPAAAMVSVFTGSDAKEVVGIGANLPPSRIDNKVDVVRRAIAINQPNPRDGIDVLSKVGG
FDLVGMTGVMLGAARCGLPVLLDGFLSYSAALAACQIAPAVRPYLIPSHFSAEKGARIALAHLSMEPYLHMAMRLGEGSG
AALAMPIVEAACAMFHNMGELAASNIVLPEGNANAT
;
_entity_poly.pdbx_strand_id   A
#
loop_
_chem_comp.id
_chem_comp.type
_chem_comp.name
_chem_comp.formula
34A non-polymer 3,4-DIMETHYLANILINE 'C8 H11 N'
NCN non-polymer 'NICOTINATE MONONUCLEOTIDE' 'C11 H14 N O9 P'
#
# COMPACT_ATOMS: atom_id res chain seq x y z
N LEU A 4 -15.51 11.46 -8.56
CA LEU A 4 -14.63 11.14 -7.38
C LEU A 4 -15.39 11.24 -6.06
N HIS A 5 -16.32 12.20 -5.97
CA HIS A 5 -17.11 12.35 -4.76
C HIS A 5 -18.04 11.14 -4.70
N ALA A 6 -18.49 10.72 -5.89
CA ALA A 6 -19.37 9.56 -6.03
C ALA A 6 -18.61 8.33 -5.54
N LEU A 7 -17.38 8.18 -6.02
CA LEU A 7 -16.51 7.09 -5.65
C LEU A 7 -16.42 6.95 -4.14
N LEU A 8 -15.96 8.02 -3.49
CA LEU A 8 -15.79 8.01 -2.05
C LEU A 8 -17.09 7.73 -1.31
N ARG A 9 -18.19 8.25 -1.85
CA ARG A 9 -19.50 8.07 -1.22
C ARG A 9 -20.00 6.62 -1.24
N ASP A 10 -19.67 5.90 -2.31
CA ASP A 10 -20.11 4.52 -2.47
C ASP A 10 -19.24 3.41 -1.87
N ILE A 11 -18.24 3.75 -1.06
CA ILE A 11 -17.40 2.73 -0.44
C ILE A 11 -18.29 2.07 0.60
N PRO A 12 -18.53 0.77 0.44
CA PRO A 12 -19.38 0.04 1.38
C PRO A 12 -18.81 -0.17 2.78
N ALA A 13 -19.70 -0.24 3.77
CA ALA A 13 -19.29 -0.50 5.13
C ALA A 13 -19.13 -2.03 5.23
N PRO A 14 -18.33 -2.51 6.19
CA PRO A 14 -18.12 -3.96 6.37
C PRO A 14 -19.45 -4.62 6.76
N ASP A 15 -19.62 -5.88 6.36
CA ASP A 15 -20.83 -6.66 6.63
C ASP A 15 -20.76 -7.33 8.00
N ALA A 16 -21.28 -6.66 9.02
CA ALA A 16 -21.25 -7.20 10.37
C ALA A 16 -21.95 -8.55 10.50
N GLU A 17 -22.95 -8.78 9.65
CA GLU A 17 -23.70 -10.03 9.72
C GLU A 17 -22.82 -11.20 9.34
N ALA A 18 -22.09 -11.05 8.24
CA ALA A 18 -21.19 -12.10 7.77
C ALA A 18 -20.07 -12.29 8.78
N MET A 19 -19.59 -11.20 9.37
CA MET A 19 -18.49 -11.31 10.35
C MET A 19 -18.91 -12.11 11.58
N ALA A 20 -20.16 -11.92 12.01
CA ALA A 20 -20.68 -12.64 13.17
C ALA A 20 -20.74 -14.14 12.85
N ARG A 21 -21.26 -14.48 11.67
CA ARG A 21 -21.32 -15.89 11.28
C ARG A 21 -19.92 -16.46 11.19
N THR A 22 -18.97 -15.63 10.78
CA THR A 22 -17.59 -16.08 10.67
C THR A 22 -17.01 -16.38 12.03
N GLN A 23 -17.14 -15.42 12.96
CA GLN A 23 -16.60 -15.62 14.29
C GLN A 23 -17.15 -16.91 14.93
N GLN A 24 -18.46 -17.12 14.84
CA GLN A 24 -19.10 -18.30 15.41
C GLN A 24 -18.54 -19.60 14.81
N HIS A 25 -18.29 -19.60 13.51
CA HIS A 25 -17.76 -20.79 12.85
C HIS A 25 -16.32 -21.06 13.26
N ILE A 26 -15.54 -20.01 13.41
CA ILE A 26 -14.15 -20.15 13.81
C ILE A 26 -14.05 -20.71 15.23
N ASP A 27 -14.91 -20.23 16.12
CA ASP A 27 -14.89 -20.68 17.51
C ASP A 27 -15.17 -22.17 17.65
N GLY A 28 -15.91 -22.75 16.71
CA GLY A 28 -16.23 -24.16 16.78
C GLY A 28 -15.23 -25.09 16.09
N LEU A 29 -14.15 -24.54 15.57
CA LEU A 29 -13.15 -25.36 14.89
C LEU A 29 -12.32 -26.17 15.89
N LEU A 30 -11.70 -27.24 15.39
CA LEU A 30 -10.89 -28.15 16.18
C LEU A 30 -9.65 -27.54 16.84
N LYS A 31 -9.87 -26.68 17.82
CA LYS A 31 -8.77 -26.04 18.52
C LYS A 31 -9.33 -25.23 19.69
N PRO A 32 -8.46 -24.84 20.63
CA PRO A 32 -8.93 -24.04 21.76
C PRO A 32 -9.37 -22.70 21.15
N PRO A 33 -10.51 -22.16 21.60
CA PRO A 33 -10.99 -20.88 21.08
C PRO A 33 -9.92 -19.78 21.14
N GLY A 34 -9.78 -19.05 20.03
CA GLY A 34 -8.81 -17.97 19.95
C GLY A 34 -7.35 -18.37 19.85
N SER A 35 -7.06 -19.68 19.93
CA SER A 35 -5.68 -20.16 19.88
C SER A 35 -4.91 -19.85 18.60
N LEU A 36 -5.62 -19.54 17.52
CA LEU A 36 -4.95 -19.22 16.27
C LEU A 36 -4.75 -17.72 16.09
N GLY A 37 -4.95 -16.98 17.17
CA GLY A 37 -4.75 -15.54 17.19
C GLY A 37 -5.13 -14.64 16.03
N ARG A 38 -4.14 -13.95 15.49
CA ARG A 38 -4.37 -13.03 14.38
C ARG A 38 -4.83 -13.70 13.09
N LEU A 39 -4.69 -15.01 13.01
CA LEU A 39 -5.15 -15.70 11.81
C LEU A 39 -6.70 -15.68 11.85
N GLU A 40 -7.27 -15.80 13.05
CA GLU A 40 -8.73 -15.79 13.22
C GLU A 40 -9.30 -14.40 12.92
N THR A 41 -8.65 -13.38 13.49
CA THR A 41 -9.03 -11.99 13.32
C THR A 41 -8.96 -11.62 11.84
N LEU A 42 -7.93 -12.12 11.16
CA LEU A 42 -7.80 -11.83 9.75
C LEU A 42 -8.98 -12.48 8.99
N ALA A 43 -9.31 -13.73 9.32
CA ALA A 43 -10.42 -14.40 8.62
C ALA A 43 -11.75 -13.64 8.80
N VAL A 44 -11.96 -13.09 9.99
CA VAL A 44 -13.19 -12.37 10.26
C VAL A 44 -13.25 -11.06 9.48
N GLN A 45 -12.11 -10.37 9.43
CA GLN A 45 -12.00 -9.11 8.69
C GLN A 45 -12.35 -9.36 7.22
N LEU A 46 -11.75 -10.39 6.64
CA LEU A 46 -12.04 -10.71 5.24
C LEU A 46 -13.52 -10.97 5.03
N ALA A 47 -14.12 -11.71 5.95
CA ALA A 47 -15.53 -12.04 5.84
C ALA A 47 -16.43 -10.82 5.81
N GLY A 48 -15.93 -9.71 6.34
CA GLY A 48 -16.74 -8.50 6.34
C GLY A 48 -16.68 -7.72 5.05
N MET A 49 -15.75 -8.08 4.18
CA MET A 49 -15.57 -7.39 2.89
C MET A 49 -16.58 -7.86 1.84
N PRO A 50 -17.57 -7.01 1.53
CA PRO A 50 -18.64 -7.31 0.57
C PRO A 50 -18.21 -7.96 -0.74
N GLY A 51 -17.03 -7.61 -1.24
CA GLY A 51 -16.55 -8.20 -2.48
C GLY A 51 -16.18 -9.68 -2.37
N LEU A 52 -16.02 -10.18 -1.15
CA LEU A 52 -15.65 -11.57 -0.93
C LEU A 52 -16.84 -12.50 -0.72
N ASN A 53 -18.05 -12.00 -0.91
CA ASN A 53 -19.23 -12.82 -0.78
C ASN A 53 -19.47 -13.54 0.58
N GLY A 54 -19.42 -12.75 1.66
CA GLY A 54 -19.67 -13.24 3.00
C GLY A 54 -18.82 -14.35 3.56
N THR A 55 -17.63 -14.53 2.98
CA THR A 55 -16.76 -15.58 3.45
C THR A 55 -15.32 -15.25 3.13
N PRO A 56 -14.38 -15.75 3.96
CA PRO A 56 -12.96 -15.47 3.69
C PRO A 56 -12.51 -16.36 2.53
N GLN A 57 -12.17 -15.76 1.40
CA GLN A 57 -11.74 -16.54 0.24
C GLN A 57 -10.75 -15.72 -0.56
N VAL A 58 -9.97 -16.40 -1.40
CA VAL A 58 -8.97 -15.75 -2.24
C VAL A 58 -9.04 -16.36 -3.62
N GLY A 59 -9.31 -15.53 -4.63
CA GLY A 59 -9.37 -16.02 -6.00
C GLY A 59 -8.06 -15.69 -6.66
N GLU A 60 -8.06 -14.82 -7.67
CA GLU A 60 -6.84 -14.41 -8.34
C GLU A 60 -6.20 -13.31 -7.49
N LYS A 61 -4.89 -13.18 -7.60
CA LYS A 61 -4.13 -12.19 -6.83
C LYS A 61 -3.29 -11.30 -7.76
N ALA A 62 -3.29 -10.01 -7.48
CA ALA A 62 -2.52 -9.07 -8.28
C ALA A 62 -1.73 -8.09 -7.41
N VAL A 63 -0.51 -7.78 -7.84
CA VAL A 63 0.29 -6.78 -7.15
C VAL A 63 0.44 -5.65 -8.17
N LEU A 64 -0.02 -4.44 -7.83
CA LEU A 64 0.07 -3.27 -8.71
C LEU A 64 1.25 -2.41 -8.28
N VAL A 65 2.20 -2.23 -9.19
CA VAL A 65 3.39 -1.46 -8.91
C VAL A 65 3.33 -0.10 -9.64
N MET A 66 3.30 0.97 -8.87
CA MET A 66 3.22 2.33 -9.41
C MET A 66 4.64 2.89 -9.55
N CYS A 67 5.04 3.23 -10.77
CA CYS A 67 6.38 3.73 -11.02
C CYS A 67 6.39 5.19 -11.45
N ALA A 68 7.33 5.96 -10.91
CA ALA A 68 7.44 7.37 -11.25
C ALA A 68 8.72 7.98 -10.69
N ASP A 69 9.18 9.05 -11.34
CA ASP A 69 10.37 9.74 -10.90
C ASP A 69 9.98 10.99 -10.14
N HIS A 70 10.94 11.52 -9.40
CA HIS A 70 10.69 12.67 -8.55
C HIS A 70 11.69 13.78 -8.79
N GLY A 71 11.18 15.00 -8.92
CA GLY A 71 12.05 16.14 -9.14
C GLY A 71 12.99 16.36 -7.97
N VAL A 72 12.57 16.00 -6.75
CA VAL A 72 13.41 16.21 -5.56
C VAL A 72 14.71 15.39 -5.61
N TRP A 73 14.80 14.48 -6.59
CA TRP A 73 16.02 13.69 -6.73
C TRP A 73 17.23 14.63 -6.91
N ASP A 74 17.02 15.78 -7.56
CA ASP A 74 18.11 16.73 -7.81
C ASP A 74 18.66 17.42 -6.57
N GLU A 75 18.05 17.19 -5.41
CA GLU A 75 18.49 17.79 -4.16
C GLU A 75 19.52 16.91 -3.45
N GLY A 76 19.94 15.83 -4.10
CA GLY A 76 20.92 14.92 -3.52
C GLY A 76 20.40 14.03 -2.40
N VAL A 77 19.11 13.73 -2.40
CA VAL A 77 18.51 12.87 -1.36
C VAL A 77 18.55 11.37 -1.66
N ALA A 78 19.07 10.98 -2.83
CA ALA A 78 19.15 9.57 -3.23
C ALA A 78 20.45 9.22 -3.95
N VAL A 79 21.09 8.13 -3.55
CA VAL A 79 22.35 7.71 -4.18
C VAL A 79 22.16 6.85 -5.43
N SER A 80 20.95 6.36 -5.66
CA SER A 80 20.68 5.56 -6.86
C SER A 80 20.54 6.50 -8.06
N PRO A 81 21.15 6.14 -9.20
CA PRO A 81 21.05 6.97 -10.40
C PRO A 81 19.56 7.09 -10.77
N LYS A 82 19.17 8.19 -11.40
CA LYS A 82 17.77 8.39 -11.77
C LYS A 82 17.18 7.34 -12.71
N ILE A 83 17.95 6.93 -13.71
CA ILE A 83 17.50 5.93 -14.69
C ILE A 83 17.13 4.59 -14.09
N VAL A 84 17.53 4.34 -12.85
CA VAL A 84 17.18 3.07 -12.25
C VAL A 84 15.68 2.85 -12.27
N THR A 85 14.89 3.92 -12.16
CA THR A 85 13.44 3.73 -12.17
C THR A 85 13.01 3.09 -13.50
N ALA A 86 13.43 3.68 -14.61
CA ALA A 86 13.08 3.21 -15.94
C ALA A 86 13.61 1.79 -16.19
N ILE A 87 14.87 1.56 -15.81
CA ILE A 87 15.50 0.26 -15.99
C ILE A 87 14.76 -0.83 -15.22
N GLN A 88 14.52 -0.58 -13.93
CA GLN A 88 13.82 -1.53 -13.09
C GLN A 88 12.41 -1.76 -13.57
N ALA A 89 11.76 -0.70 -14.06
CA ALA A 89 10.39 -0.86 -14.54
C ALA A 89 10.42 -1.86 -15.69
N ALA A 90 11.43 -1.77 -16.56
CA ALA A 90 11.55 -2.69 -17.68
C ALA A 90 11.81 -4.12 -17.16
N ASN A 91 12.67 -4.24 -16.16
CA ASN A 91 12.95 -5.55 -15.58
C ASN A 91 11.70 -6.17 -14.99
N MET A 92 10.75 -5.35 -14.59
CA MET A 92 9.50 -5.84 -14.02
C MET A 92 8.74 -6.65 -15.06
N THR A 93 8.84 -6.23 -16.32
CA THR A 93 8.14 -6.91 -17.41
C THR A 93 8.82 -8.24 -17.76
N ARG A 94 10.02 -8.46 -17.21
CA ARG A 94 10.76 -9.68 -17.48
C ARG A 94 10.73 -10.65 -16.30
N GLY A 95 10.08 -10.24 -15.21
CA GLY A 95 9.99 -11.10 -14.04
C GLY A 95 11.29 -11.40 -13.32
N THR A 96 12.27 -10.51 -13.41
CA THR A 96 13.53 -10.75 -12.73
C THR A 96 13.73 -9.97 -11.45
N THR A 97 12.77 -9.11 -11.10
CA THR A 97 12.89 -8.30 -9.88
C THR A 97 12.37 -9.00 -8.63
N GLY A 98 12.68 -8.41 -7.48
CA GLY A 98 12.23 -8.95 -6.21
C GLY A 98 10.73 -9.19 -6.15
N VAL A 99 9.88 -8.24 -6.55
CA VAL A 99 8.42 -8.50 -6.49
C VAL A 99 7.99 -9.60 -7.41
N CYS A 100 8.60 -9.66 -8.58
CA CYS A 100 8.22 -10.66 -9.56
C CYS A 100 8.48 -12.07 -9.07
N VAL A 101 9.63 -12.26 -8.43
CA VAL A 101 10.02 -13.55 -7.90
C VAL A 101 9.15 -13.92 -6.70
N LEU A 102 8.87 -12.98 -5.83
CA LEU A 102 8.03 -13.29 -4.69
C LEU A 102 6.57 -13.42 -5.11
N ALA A 103 6.13 -12.64 -6.10
CA ALA A 103 4.74 -12.74 -6.54
C ALA A 103 4.51 -14.09 -7.20
N ALA A 104 5.45 -14.53 -8.04
CA ALA A 104 5.34 -15.81 -8.72
C ALA A 104 5.24 -16.94 -7.70
N GLN A 105 6.01 -16.83 -6.62
CA GLN A 105 6.00 -17.83 -5.59
C GLN A 105 4.63 -17.90 -4.92
N ALA A 106 3.92 -16.76 -4.90
CA ALA A 106 2.59 -16.67 -4.30
C ALA A 106 1.46 -16.89 -5.30
N GLY A 107 1.80 -17.12 -6.56
CA GLY A 107 0.77 -17.31 -7.57
C GLY A 107 0.02 -16.03 -7.89
N ALA A 108 0.69 -14.89 -7.79
CA ALA A 108 0.05 -13.61 -8.09
C ALA A 108 0.60 -12.98 -9.39
N LYS A 109 -0.20 -12.15 -10.06
CA LYS A 109 0.30 -11.52 -11.27
C LYS A 109 0.70 -10.10 -10.93
N VAL A 110 1.80 -9.65 -11.52
CA VAL A 110 2.32 -8.32 -11.29
C VAL A 110 1.91 -7.37 -12.41
N HIS A 111 1.37 -6.22 -12.02
CA HIS A 111 0.96 -5.20 -12.99
C HIS A 111 1.88 -4.01 -12.77
N VAL A 112 2.65 -3.68 -13.79
CA VAL A 112 3.57 -2.55 -13.71
C VAL A 112 2.91 -1.37 -14.38
N ILE A 113 2.71 -0.30 -13.62
CA ILE A 113 2.04 0.88 -14.15
C ILE A 113 2.92 2.11 -14.08
N ASP A 114 3.09 2.76 -15.22
CA ASP A 114 3.90 3.96 -15.29
C ASP A 114 2.97 5.15 -15.07
N VAL A 115 3.17 5.86 -13.95
CA VAL A 115 2.35 7.03 -13.66
C VAL A 115 3.18 8.32 -13.74
N GLY A 116 4.44 8.21 -14.16
CA GLY A 116 5.28 9.39 -14.26
C GLY A 116 6.78 9.17 -14.30
N ILE A 117 7.22 8.16 -15.05
CA ILE A 117 8.65 7.89 -15.15
C ILE A 117 9.29 8.91 -16.11
N ASP A 118 10.48 9.41 -15.78
CA ASP A 118 11.16 10.40 -16.60
C ASP A 118 12.01 9.69 -17.65
N ALA A 119 11.37 9.16 -18.68
CA ALA A 119 12.07 8.45 -19.74
C ALA A 119 11.04 8.15 -20.84
N GLU A 120 11.49 7.56 -21.94
CA GLU A 120 10.55 7.23 -22.99
C GLU A 120 9.65 6.10 -22.48
N PRO A 121 8.45 5.98 -23.06
CA PRO A 121 7.51 4.93 -22.65
C PRO A 121 8.13 3.54 -22.74
N ILE A 122 7.81 2.66 -21.81
CA ILE A 122 8.37 1.31 -21.83
C ILE A 122 7.31 0.34 -22.31
N PRO A 123 7.58 -0.41 -23.40
CA PRO A 123 6.60 -1.36 -23.91
C PRO A 123 6.29 -2.42 -22.86
N GLY A 124 5.03 -2.85 -22.79
CA GLY A 124 4.67 -3.87 -21.81
C GLY A 124 4.22 -3.27 -20.50
N VAL A 125 4.51 -1.99 -20.29
CA VAL A 125 4.11 -1.32 -19.07
C VAL A 125 2.80 -0.55 -19.26
N VAL A 126 1.86 -0.67 -18.32
CA VAL A 126 0.60 0.04 -18.43
C VAL A 126 0.92 1.54 -18.41
N ASN A 127 0.43 2.25 -19.41
CA ASN A 127 0.71 3.67 -19.51
C ASN A 127 -0.34 4.60 -18.89
N MET A 128 0.00 5.26 -17.77
CA MET A 128 -0.88 6.24 -17.15
C MET A 128 -0.04 7.42 -16.73
N ARG A 129 1.06 7.67 -17.42
CA ARG A 129 1.94 8.75 -17.02
C ARG A 129 1.31 10.14 -17.02
N VAL A 130 1.50 10.84 -15.92
CA VAL A 130 0.96 12.19 -15.79
C VAL A 130 1.96 13.16 -16.40
N ALA A 131 3.24 12.90 -16.19
CA ALA A 131 4.30 13.75 -16.74
C ALA A 131 5.63 13.03 -16.55
N ARG A 132 6.69 13.60 -17.10
CA ARG A 132 8.02 13.01 -16.96
C ARG A 132 8.60 13.40 -15.60
N GLY A 133 8.12 12.75 -14.55
CA GLY A 133 8.56 13.06 -13.20
C GLY A 133 7.69 14.17 -12.61
N CYS A 134 7.52 14.17 -11.29
CA CYS A 134 6.72 15.21 -10.65
C CYS A 134 7.63 16.38 -10.29
N GLY A 135 7.06 17.53 -9.93
CA GLY A 135 7.87 18.68 -9.57
C GLY A 135 8.70 18.43 -8.32
N ASN A 136 9.80 19.19 -8.18
CA ASN A 136 10.71 19.09 -7.04
C ASN A 136 10.00 19.71 -5.84
N ILE A 137 9.54 18.88 -4.91
CA ILE A 137 8.81 19.39 -3.74
C ILE A 137 9.60 20.35 -2.86
N ALA A 138 10.91 20.42 -3.06
CA ALA A 138 11.73 21.30 -2.27
C ALA A 138 11.48 22.79 -2.57
N VAL A 139 11.03 23.11 -3.78
CA VAL A 139 10.79 24.50 -4.15
C VAL A 139 9.35 24.80 -4.57
N GLY A 140 8.50 23.79 -4.51
CA GLY A 140 7.13 24.00 -4.92
C GLY A 140 6.36 22.70 -4.85
N PRO A 141 5.13 22.65 -5.36
CA PRO A 141 4.29 21.44 -5.35
C PRO A 141 4.72 20.38 -6.33
N ALA A 142 4.43 19.13 -5.99
CA ALA A 142 4.76 17.98 -6.84
C ALA A 142 3.86 17.98 -8.09
N MET A 143 2.61 18.44 -7.94
CA MET A 143 1.66 18.46 -9.04
C MET A 143 0.47 19.35 -8.66
N SER A 144 -0.47 19.53 -9.58
CA SER A 144 -1.65 20.34 -9.27
C SER A 144 -2.67 19.41 -8.63
N ARG A 145 -3.64 20.00 -7.94
CA ARG A 145 -4.68 19.22 -7.29
C ARG A 145 -5.47 18.45 -8.35
N LEU A 146 -5.68 19.09 -9.50
CA LEU A 146 -6.41 18.49 -10.59
C LEU A 146 -5.73 17.21 -11.04
N GLN A 147 -4.42 17.26 -11.22
CA GLN A 147 -3.67 16.08 -11.65
C GLN A 147 -3.73 14.95 -10.63
N ALA A 148 -3.74 15.30 -9.36
CA ALA A 148 -3.81 14.28 -8.34
C ALA A 148 -5.18 13.61 -8.37
N GLU A 149 -6.25 14.41 -8.39
CA GLU A 149 -7.59 13.88 -8.42
C GLU A 149 -7.86 13.02 -9.65
N ALA A 150 -7.29 13.42 -10.78
CA ALA A 150 -7.46 12.67 -12.01
C ALA A 150 -6.78 11.30 -11.95
N LEU A 151 -5.55 11.27 -11.42
CA LEU A 151 -4.84 9.99 -11.31
C LEU A 151 -5.54 9.10 -10.28
N LEU A 152 -6.00 9.68 -9.17
CA LEU A 152 -6.71 8.89 -8.17
C LEU A 152 -7.88 8.17 -8.82
N LEU A 153 -8.65 8.90 -9.61
CA LEU A 153 -9.81 8.35 -10.28
C LEU A 153 -9.44 7.28 -11.31
N GLU A 154 -8.41 7.55 -12.09
CA GLU A 154 -7.93 6.64 -13.11
C GLU A 154 -7.49 5.30 -12.48
N VAL A 155 -6.60 5.36 -11.51
CA VAL A 155 -6.13 4.14 -10.87
C VAL A 155 -7.27 3.41 -10.18
N SER A 156 -8.20 4.15 -9.56
CA SER A 156 -9.35 3.54 -8.88
C SER A 156 -10.17 2.68 -9.81
N ARG A 157 -10.44 3.19 -11.01
CA ARG A 157 -11.24 2.44 -11.96
C ARG A 157 -10.48 1.22 -12.48
N TYR A 158 -9.20 1.39 -12.74
CA TYR A 158 -8.40 0.29 -13.24
C TYR A 158 -8.44 -0.83 -12.21
N THR A 159 -8.33 -0.46 -10.94
CA THR A 159 -8.30 -1.43 -9.84
C THR A 159 -9.57 -2.26 -9.68
N CYS A 160 -10.70 -1.57 -9.60
CA CYS A 160 -12.00 -2.22 -9.42
C CYS A 160 -12.38 -2.96 -10.72
N ASP A 161 -11.80 -2.54 -11.84
CA ASP A 161 -12.06 -3.21 -13.12
C ASP A 161 -11.42 -4.61 -13.10
N LEU A 162 -10.23 -4.73 -12.49
CA LEU A 162 -9.56 -6.04 -12.40
C LEU A 162 -10.41 -6.99 -11.57
N ALA A 163 -11.16 -6.44 -10.63
CA ALA A 163 -12.05 -7.23 -9.80
C ALA A 163 -13.01 -8.04 -10.66
N GLN A 164 -13.46 -7.45 -11.77
CA GLN A 164 -14.37 -8.14 -12.66
C GLN A 164 -13.71 -9.32 -13.36
N ARG A 165 -12.38 -9.36 -13.36
CA ARG A 165 -11.68 -10.44 -14.02
C ARG A 165 -11.22 -11.53 -13.04
N GLY A 166 -11.86 -11.62 -11.88
CA GLY A 166 -11.49 -12.65 -10.92
C GLY A 166 -10.53 -12.29 -9.79
N VAL A 167 -9.98 -11.07 -9.80
CA VAL A 167 -9.04 -10.67 -8.73
C VAL A 167 -9.81 -10.33 -7.44
N THR A 168 -9.42 -10.94 -6.32
CA THR A 168 -10.07 -10.72 -5.03
C THR A 168 -9.10 -10.19 -3.95
N LEU A 169 -7.81 -10.19 -4.26
CA LEU A 169 -6.80 -9.73 -3.30
C LEU A 169 -5.76 -8.91 -4.01
N PHE A 170 -5.56 -7.70 -3.52
CA PHE A 170 -4.59 -6.80 -4.12
C PHE A 170 -3.40 -6.57 -3.22
N GLY A 171 -2.27 -6.30 -3.85
CA GLY A 171 -1.05 -5.99 -3.14
C GLY A 171 -0.67 -4.67 -3.79
N VAL A 172 -0.12 -3.73 -3.04
CA VAL A 172 0.26 -2.47 -3.61
C VAL A 172 1.77 -2.27 -3.45
N GLY A 173 2.40 -1.60 -4.42
CA GLY A 173 3.83 -1.38 -4.37
C GLY A 173 4.24 -0.22 -5.26
N GLU A 174 5.52 0.13 -5.22
CA GLU A 174 6.02 1.24 -6.03
C GLU A 174 7.47 1.06 -6.46
N LEU A 175 7.91 2.01 -7.28
CA LEU A 175 9.27 2.07 -7.82
C LEU A 175 9.50 3.53 -8.20
N GLY A 176 10.51 4.14 -7.59
CA GLY A 176 10.83 5.53 -7.87
C GLY A 176 11.97 6.04 -7.02
N MET A 177 13.11 6.31 -7.65
CA MET A 177 14.27 6.81 -6.95
C MET A 177 13.92 8.10 -6.24
N ALA A 178 14.35 8.21 -4.99
CA ALA A 178 14.12 9.35 -4.11
C ALA A 178 12.73 9.42 -3.47
N ASN A 179 11.88 8.41 -3.68
CA ASN A 179 10.54 8.52 -3.09
C ASN A 179 10.39 8.44 -1.57
N THR A 180 11.42 7.99 -0.84
CA THR A 180 11.28 7.97 0.62
C THR A 180 11.34 9.40 1.18
N THR A 181 11.69 10.38 0.35
CA THR A 181 11.73 11.77 0.80
C THR A 181 10.29 12.33 0.88
N PRO A 182 9.53 12.27 -0.23
CA PRO A 182 8.16 12.79 -0.14
C PRO A 182 7.33 11.92 0.82
N ALA A 183 7.70 10.66 0.96
CA ALA A 183 6.97 9.80 1.88
C ALA A 183 7.23 10.28 3.30
N ALA A 184 8.48 10.65 3.62
CA ALA A 184 8.76 11.15 4.96
C ALA A 184 8.00 12.46 5.22
N ALA A 185 7.98 13.34 4.23
CA ALA A 185 7.28 14.62 4.37
C ALA A 185 5.81 14.38 4.69
N MET A 186 5.20 13.47 3.93
CA MET A 186 3.80 13.12 4.13
C MET A 186 3.54 12.58 5.53
N VAL A 187 4.37 11.63 5.95
CA VAL A 187 4.22 11.04 7.28
C VAL A 187 4.35 12.14 8.33
N SER A 188 5.37 12.97 8.18
CA SER A 188 5.58 14.07 9.13
C SER A 188 4.33 14.94 9.27
N VAL A 189 3.74 15.32 8.13
CA VAL A 189 2.54 16.17 8.09
C VAL A 189 1.29 15.51 8.68
N PHE A 190 1.03 14.26 8.32
CA PHE A 190 -0.15 13.57 8.82
C PHE A 190 -0.09 13.19 10.30
N THR A 191 1.10 12.88 10.80
CA THR A 191 1.24 12.46 12.18
C THR A 191 1.70 13.59 13.10
N GLY A 192 2.07 14.73 12.53
CA GLY A 192 2.53 15.83 13.35
C GLY A 192 3.88 15.54 13.97
N SER A 193 4.66 14.65 13.35
CA SER A 193 5.99 14.32 13.85
C SER A 193 7.05 15.17 13.16
N ASP A 194 8.15 15.43 13.86
CA ASP A 194 9.22 16.22 13.28
C ASP A 194 9.98 15.40 12.23
N ALA A 195 10.46 16.11 11.21
CA ALA A 195 11.21 15.50 10.11
C ALA A 195 12.30 14.55 10.55
N LYS A 196 13.09 14.97 11.52
CA LYS A 196 14.19 14.15 12.00
C LYS A 196 13.72 12.78 12.49
N GLU A 197 12.54 12.72 13.09
CA GLU A 197 12.03 11.46 13.60
C GLU A 197 11.52 10.47 12.52
N VAL A 198 11.20 10.96 11.33
CA VAL A 198 10.67 10.09 10.29
C VAL A 198 11.48 9.91 9.02
N VAL A 199 12.61 10.60 8.89
CA VAL A 199 13.46 10.45 7.71
C VAL A 199 14.45 9.32 7.93
N GLY A 200 14.52 8.39 6.96
CA GLY A 200 15.44 7.27 7.05
C GLY A 200 16.47 7.22 5.94
N ILE A 201 17.20 6.12 5.83
CA ILE A 201 18.23 6.02 4.80
C ILE A 201 17.74 5.56 3.44
N GLY A 202 16.43 5.34 3.30
CA GLY A 202 15.93 4.91 2.00
C GLY A 202 16.77 3.77 1.44
N ALA A 203 17.17 3.88 0.17
CA ALA A 203 17.99 2.86 -0.47
C ALA A 203 19.49 3.11 -0.24
N ASN A 204 19.94 2.80 0.97
CA ASN A 204 21.34 2.95 1.37
C ASN A 204 21.93 4.35 1.28
N LEU A 205 21.20 5.34 1.78
CA LEU A 205 21.72 6.69 1.78
C LEU A 205 22.79 6.77 2.88
N PRO A 206 24.00 7.26 2.56
CA PRO A 206 25.07 7.37 3.55
C PRO A 206 24.63 8.17 4.77
N PRO A 207 25.05 7.72 5.95
CA PRO A 207 24.68 8.40 7.19
C PRO A 207 25.08 9.89 7.19
N SER A 208 26.12 10.23 6.45
CA SER A 208 26.58 11.62 6.39
C SER A 208 25.63 12.53 5.61
N ARG A 209 24.81 11.94 4.75
CA ARG A 209 23.88 12.72 3.94
C ARG A 209 22.44 12.83 4.49
N ILE A 210 22.21 12.24 5.66
CA ILE A 210 20.87 12.29 6.28
C ILE A 210 20.42 13.73 6.59
N ASP A 211 21.32 14.54 7.13
CA ASP A 211 21.03 15.92 7.49
C ASP A 211 20.42 16.73 6.34
N ASN A 212 21.02 16.62 5.17
CA ASN A 212 20.51 17.33 4.01
C ASN A 212 19.09 16.84 3.68
N LYS A 213 18.87 15.53 3.83
CA LYS A 213 17.55 14.96 3.54
C LYS A 213 16.50 15.50 4.52
N VAL A 214 16.87 15.65 5.79
CA VAL A 214 15.94 16.16 6.79
C VAL A 214 15.60 17.62 6.48
N ASP A 215 16.60 18.39 6.05
CA ASP A 215 16.40 19.80 5.70
C ASP A 215 15.49 19.93 4.48
N VAL A 216 15.67 19.06 3.49
CA VAL A 216 14.83 19.10 2.29
C VAL A 216 13.36 18.86 2.65
N VAL A 217 13.11 17.90 3.53
CA VAL A 217 11.73 17.59 3.95
C VAL A 217 11.10 18.80 4.65
N ARG A 218 11.86 19.45 5.52
CA ARG A 218 11.36 20.63 6.23
C ARG A 218 11.03 21.75 5.25
N ARG A 219 11.93 22.00 4.30
CA ARG A 219 11.71 23.04 3.31
C ARG A 219 10.49 22.74 2.45
N ALA A 220 10.30 21.48 2.10
CA ALA A 220 9.16 21.09 1.28
C ALA A 220 7.89 21.44 2.04
N ILE A 221 7.87 21.18 3.33
CA ILE A 221 6.70 21.50 4.12
C ILE A 221 6.50 23.00 4.29
N ALA A 222 7.55 23.72 4.68
CA ALA A 222 7.46 25.17 4.88
C ALA A 222 6.99 25.92 3.63
N ILE A 223 7.53 25.56 2.48
CA ILE A 223 7.18 26.22 1.24
C ILE A 223 5.77 25.90 0.72
N ASN A 224 5.36 24.63 0.82
CA ASN A 224 4.04 24.24 0.31
C ASN A 224 2.89 24.39 1.30
N GLN A 225 3.19 24.38 2.59
CA GLN A 225 2.14 24.53 3.60
C GLN A 225 0.96 23.60 3.36
N PRO A 226 1.22 22.29 3.21
CA PRO A 226 0.13 21.34 2.97
C PRO A 226 -0.83 21.25 4.16
N ASN A 227 -2.13 21.13 3.88
CA ASN A 227 -3.14 21.04 4.92
C ASN A 227 -3.33 19.58 5.38
N PRO A 228 -2.88 19.26 6.60
CA PRO A 228 -2.97 17.91 7.19
C PRO A 228 -4.37 17.30 7.15
N ARG A 229 -5.39 18.14 7.17
CA ARG A 229 -6.75 17.63 7.16
C ARG A 229 -7.29 17.39 5.76
N ASP A 230 -6.45 17.57 4.74
CA ASP A 230 -6.88 17.37 3.35
C ASP A 230 -5.84 16.46 2.70
N GLY A 231 -6.10 15.15 2.67
CA GLY A 231 -5.18 14.19 2.11
C GLY A 231 -4.78 14.46 0.67
N ILE A 232 -5.72 14.94 -0.12
CA ILE A 232 -5.42 15.24 -1.52
C ILE A 232 -4.48 16.44 -1.59
N ASP A 233 -4.70 17.43 -0.72
CA ASP A 233 -3.84 18.61 -0.72
C ASP A 233 -2.40 18.17 -0.41
N VAL A 234 -2.28 17.29 0.57
CA VAL A 234 -0.99 16.78 0.98
C VAL A 234 -0.31 15.99 -0.12
N LEU A 235 -1.03 15.07 -0.76
CA LEU A 235 -0.47 14.28 -1.85
C LEU A 235 0.02 15.14 -3.01
N SER A 236 -0.79 16.12 -3.40
CA SER A 236 -0.43 16.97 -4.54
C SER A 236 0.76 17.90 -4.29
N LYS A 237 0.89 18.35 -3.04
CA LYS A 237 1.96 19.28 -2.69
C LYS A 237 3.30 18.64 -2.38
N VAL A 238 3.33 17.70 -1.44
CA VAL A 238 4.58 17.06 -1.05
C VAL A 238 4.63 15.56 -1.29
N GLY A 239 3.75 15.07 -2.17
CA GLY A 239 3.73 13.66 -2.46
C GLY A 239 4.42 13.39 -3.80
N GLY A 240 3.86 12.47 -4.57
CA GLY A 240 4.39 12.11 -5.89
C GLY A 240 3.39 11.26 -6.65
N PHE A 241 3.58 11.09 -7.95
CA PHE A 241 2.68 10.31 -8.80
C PHE A 241 2.53 8.88 -8.30
N ASP A 242 3.65 8.27 -7.96
CA ASP A 242 3.63 6.91 -7.46
C ASP A 242 2.83 6.81 -6.15
N LEU A 243 3.04 7.75 -5.22
CA LEU A 243 2.29 7.72 -3.96
C LEU A 243 0.80 7.96 -4.21
N VAL A 244 0.48 8.84 -5.15
CA VAL A 244 -0.92 9.09 -5.48
C VAL A 244 -1.53 7.79 -6.02
N GLY A 245 -0.82 7.14 -6.93
CA GLY A 245 -1.32 5.89 -7.51
C GLY A 245 -1.56 4.80 -6.47
N MET A 246 -0.67 4.68 -5.49
CA MET A 246 -0.86 3.67 -4.46
C MET A 246 -2.14 3.99 -3.70
N THR A 247 -2.32 5.27 -3.42
CA THR A 247 -3.52 5.72 -2.73
C THR A 247 -4.74 5.34 -3.58
N GLY A 248 -4.65 5.54 -4.89
CA GLY A 248 -5.76 5.21 -5.77
C GLY A 248 -6.13 3.72 -5.76
N VAL A 249 -5.14 2.84 -5.60
CA VAL A 249 -5.43 1.41 -5.55
C VAL A 249 -6.26 1.11 -4.27
N MET A 250 -5.86 1.71 -3.15
CA MET A 250 -6.58 1.50 -1.90
C MET A 250 -8.03 1.99 -1.98
N LEU A 251 -8.27 3.11 -2.66
CA LEU A 251 -9.63 3.63 -2.80
C LEU A 251 -10.42 2.74 -3.75
N GLY A 252 -9.77 2.28 -4.82
CA GLY A 252 -10.44 1.41 -5.78
C GLY A 252 -10.87 0.09 -5.16
N ALA A 253 -9.96 -0.54 -4.42
CA ALA A 253 -10.27 -1.82 -3.80
C ALA A 253 -11.38 -1.66 -2.76
N ALA A 254 -11.30 -0.58 -1.97
CA ALA A 254 -12.31 -0.32 -0.97
C ALA A 254 -13.69 -0.13 -1.64
N ARG A 255 -13.73 0.66 -2.72
CA ARG A 255 -14.98 0.87 -3.45
C ARG A 255 -15.46 -0.49 -3.95
N CYS A 256 -14.52 -1.33 -4.34
CA CYS A 256 -14.83 -2.66 -4.84
C CYS A 256 -15.18 -3.64 -3.73
N GLY A 257 -14.98 -3.21 -2.49
CA GLY A 257 -15.25 -4.06 -1.34
C GLY A 257 -14.26 -5.21 -1.20
N LEU A 258 -13.02 -4.98 -1.66
CA LEU A 258 -11.99 -6.03 -1.64
C LEU A 258 -10.77 -5.63 -0.79
N PRO A 259 -10.01 -6.64 -0.31
CA PRO A 259 -8.82 -6.39 0.53
C PRO A 259 -7.59 -5.96 -0.21
N VAL A 260 -6.80 -5.11 0.45
CA VAL A 260 -5.55 -4.63 -0.12
C VAL A 260 -4.42 -4.86 0.86
N LEU A 261 -3.37 -5.52 0.41
CA LEU A 261 -2.21 -5.74 1.27
C LEU A 261 -1.23 -4.58 1.12
N LEU A 262 -0.90 -3.91 2.23
CA LEU A 262 0.08 -2.82 2.22
C LEU A 262 1.47 -3.43 2.03
N ASP A 263 2.48 -2.61 1.72
CA ASP A 263 3.86 -3.10 1.55
C ASP A 263 4.68 -2.45 2.65
N GLY A 264 5.63 -1.60 2.27
CA GLY A 264 6.48 -0.93 3.25
C GLY A 264 6.20 0.55 3.53
N PHE A 265 7.26 1.28 3.85
CA PHE A 265 7.18 2.70 4.20
C PHE A 265 6.42 3.58 3.21
N LEU A 266 6.70 3.43 1.92
CA LEU A 266 5.99 4.22 0.93
C LEU A 266 4.49 3.92 1.01
N SER A 267 4.13 2.65 1.16
CA SER A 267 2.73 2.30 1.24
C SER A 267 2.07 2.86 2.50
N TYR A 268 2.82 2.95 3.60
CA TYR A 268 2.25 3.51 4.84
C TYR A 268 1.82 4.96 4.56
N SER A 269 2.66 5.73 3.86
CA SER A 269 2.36 7.11 3.53
C SER A 269 1.05 7.24 2.78
N ALA A 270 0.94 6.45 1.71
CA ALA A 270 -0.24 6.42 0.86
C ALA A 270 -1.45 5.99 1.66
N ALA A 271 -1.27 5.07 2.61
CA ALA A 271 -2.40 4.63 3.41
C ALA A 271 -2.86 5.74 4.38
N LEU A 272 -1.92 6.51 4.91
CA LEU A 272 -2.30 7.60 5.80
C LEU A 272 -3.17 8.57 4.98
N ALA A 273 -2.72 8.89 3.77
CA ALA A 273 -3.48 9.80 2.90
C ALA A 273 -4.86 9.23 2.57
N ALA A 274 -4.91 7.95 2.20
CA ALA A 274 -6.20 7.32 1.87
C ALA A 274 -7.18 7.37 3.03
N CYS A 275 -6.69 7.06 4.23
CA CYS A 275 -7.57 7.08 5.40
C CYS A 275 -8.01 8.49 5.74
N GLN A 276 -7.21 9.48 5.37
CA GLN A 276 -7.55 10.87 5.65
C GLN A 276 -8.65 11.29 4.69
N ILE A 277 -8.51 10.87 3.43
CA ILE A 277 -9.48 11.19 2.39
C ILE A 277 -10.80 10.47 2.61
N ALA A 278 -10.73 9.22 3.07
CA ALA A 278 -11.94 8.44 3.33
C ALA A 278 -11.65 7.39 4.39
N PRO A 279 -12.13 7.64 5.62
CA PRO A 279 -11.95 6.73 6.75
C PRO A 279 -12.50 5.34 6.47
N ALA A 280 -13.55 5.30 5.65
CA ALA A 280 -14.20 4.05 5.27
C ALA A 280 -13.25 3.08 4.59
N VAL A 281 -12.08 3.57 4.20
CA VAL A 281 -11.10 2.72 3.54
C VAL A 281 -10.36 1.77 4.49
N ARG A 282 -10.18 2.22 5.73
CA ARG A 282 -9.44 1.47 6.74
C ARG A 282 -9.73 -0.03 6.91
N PRO A 283 -11.01 -0.42 7.02
CA PRO A 283 -11.41 -1.83 7.18
C PRO A 283 -10.89 -2.78 6.08
N TYR A 284 -10.49 -2.22 4.94
CA TYR A 284 -10.02 -3.03 3.81
C TYR A 284 -8.50 -3.22 3.74
N LEU A 285 -7.77 -2.41 4.50
CA LEU A 285 -6.32 -2.46 4.52
C LEU A 285 -5.80 -3.59 5.40
N ILE A 286 -4.78 -4.28 4.89
CA ILE A 286 -4.18 -5.38 5.60
C ILE A 286 -2.66 -5.15 5.59
N PRO A 287 -2.04 -5.07 6.78
CA PRO A 287 -0.59 -4.87 6.88
C PRO A 287 0.17 -6.11 6.40
N SER A 288 1.39 -5.93 5.92
CA SER A 288 2.16 -7.09 5.50
C SER A 288 3.36 -7.20 6.43
N HIS A 289 4.41 -6.42 6.15
CA HIS A 289 5.62 -6.48 6.95
C HIS A 289 5.98 -5.17 7.65
N PHE A 290 6.99 -5.23 8.51
CA PHE A 290 7.43 -4.05 9.24
C PHE A 290 8.69 -3.50 8.57
N SER A 291 8.53 -2.41 7.83
CA SER A 291 9.65 -1.80 7.12
C SER A 291 10.81 -1.35 8.03
N ALA A 292 12.03 -1.57 7.56
CA ALA A 292 13.22 -1.18 8.31
C ALA A 292 13.48 0.34 8.23
N GLU A 293 12.60 1.06 7.57
CA GLU A 293 12.77 2.51 7.45
C GLU A 293 12.50 3.13 8.82
N LYS A 294 13.31 4.12 9.19
CA LYS A 294 13.21 4.82 10.47
C LYS A 294 11.79 5.25 10.90
N GLY A 295 11.07 5.93 10.01
CA GLY A 295 9.73 6.39 10.35
C GLY A 295 8.61 5.35 10.31
N ALA A 296 8.95 4.07 10.15
CA ALA A 296 7.92 3.03 10.07
C ALA A 296 7.02 2.89 11.30
N ARG A 297 7.64 2.84 12.48
CA ARG A 297 6.88 2.71 13.72
C ARG A 297 5.84 3.81 13.90
N ILE A 298 6.24 5.05 13.62
CA ILE A 298 5.32 6.18 13.76
C ILE A 298 4.16 6.10 12.79
N ALA A 299 4.45 5.85 11.52
CA ALA A 299 3.38 5.76 10.53
C ALA A 299 2.42 4.61 10.88
N LEU A 300 2.94 3.46 11.29
CA LEU A 300 2.10 2.31 11.64
C LEU A 300 1.24 2.60 12.87
N ALA A 301 1.78 3.35 13.83
CA ALA A 301 1.03 3.68 15.06
C ALA A 301 -0.17 4.54 14.71
N HIS A 302 -0.01 5.50 13.82
CA HIS A 302 -1.12 6.37 13.46
C HIS A 302 -2.16 5.63 12.61
N LEU A 303 -1.76 4.49 12.05
CA LEU A 303 -2.65 3.67 11.24
C LEU A 303 -3.24 2.58 12.13
N SER A 304 -2.71 2.46 13.35
CA SER A 304 -3.13 1.45 14.31
C SER A 304 -2.97 0.07 13.71
N MET A 305 -1.83 -0.17 13.06
CA MET A 305 -1.58 -1.48 12.45
C MET A 305 -0.34 -2.13 13.01
N GLU A 306 -0.42 -3.45 13.12
CA GLU A 306 0.69 -4.25 13.61
C GLU A 306 1.00 -5.25 12.49
N PRO A 307 2.11 -5.06 11.78
CA PRO A 307 2.45 -5.98 10.70
C PRO A 307 2.60 -7.43 11.18
N TYR A 308 2.39 -8.38 10.28
CA TYR A 308 2.53 -9.79 10.62
C TYR A 308 3.99 -10.26 10.51
N LEU A 309 4.71 -9.69 9.54
CA LEU A 309 6.10 -10.09 9.27
C LEU A 309 7.17 -9.09 9.65
N HIS A 310 8.18 -9.56 10.37
CA HIS A 310 9.32 -8.74 10.78
C HIS A 310 10.53 -9.27 10.03
N MET A 311 10.77 -8.76 8.84
CA MET A 311 11.85 -9.24 8.00
C MET A 311 12.94 -8.21 7.76
N ALA A 312 12.83 -7.04 8.38
CA ALA A 312 13.78 -5.95 8.19
C ALA A 312 13.91 -5.60 6.72
N MET A 313 12.83 -5.76 5.96
CA MET A 313 12.87 -5.46 4.54
C MET A 313 12.69 -3.98 4.25
N ARG A 314 13.30 -3.54 3.15
CA ARG A 314 13.25 -2.13 2.74
C ARG A 314 13.53 -2.02 1.24
N LEU A 315 13.07 -2.98 0.47
CA LEU A 315 13.26 -2.95 -0.97
C LEU A 315 12.17 -2.16 -1.69
N GLY A 316 10.93 -2.33 -1.24
CA GLY A 316 9.82 -1.67 -1.90
C GLY A 316 9.30 -2.62 -2.97
N GLU A 317 8.72 -2.07 -4.03
CA GLU A 317 8.20 -2.84 -5.16
C GLU A 317 6.93 -3.64 -4.86
N GLY A 318 6.56 -3.70 -3.59
CA GLY A 318 5.40 -4.49 -3.23
C GLY A 318 5.86 -5.89 -2.88
N SER A 319 7.16 -6.05 -2.65
CA SER A 319 7.72 -7.37 -2.28
C SER A 319 7.17 -7.91 -0.94
N GLY A 320 6.99 -7.02 0.04
CA GLY A 320 6.45 -7.46 1.33
C GLY A 320 5.01 -7.92 1.18
N ALA A 321 4.24 -7.18 0.38
CA ALA A 321 2.85 -7.51 0.10
C ALA A 321 2.72 -8.93 -0.45
N ALA A 322 3.54 -9.23 -1.45
CA ALA A 322 3.53 -10.55 -2.08
C ALA A 322 3.94 -11.63 -1.09
N LEU A 323 4.87 -11.31 -0.20
CA LEU A 323 5.35 -12.26 0.79
C LEU A 323 4.26 -12.61 1.80
N ALA A 324 3.34 -11.68 2.02
CA ALA A 324 2.26 -11.94 2.98
C ALA A 324 1.03 -12.60 2.36
N MET A 325 0.95 -12.68 1.04
CA MET A 325 -0.22 -13.29 0.43
C MET A 325 -0.52 -14.71 0.92
N PRO A 326 0.51 -15.54 1.20
CA PRO A 326 0.29 -16.91 1.67
C PRO A 326 -0.39 -16.90 3.05
N ILE A 327 -0.16 -15.83 3.79
CA ILE A 327 -0.77 -15.71 5.10
C ILE A 327 -2.28 -15.49 4.96
N VAL A 328 -2.67 -14.68 3.99
CA VAL A 328 -4.10 -14.43 3.77
C VAL A 328 -4.77 -15.75 3.34
N GLU A 329 -4.14 -16.50 2.45
CA GLU A 329 -4.71 -17.77 2.03
C GLU A 329 -4.72 -18.77 3.19
N ALA A 330 -3.78 -18.65 4.12
CA ALA A 330 -3.74 -19.56 5.27
C ALA A 330 -4.98 -19.36 6.15
N ALA A 331 -5.40 -18.10 6.31
CA ALA A 331 -6.58 -17.83 7.13
C ALA A 331 -7.82 -18.43 6.46
N CYS A 332 -7.84 -18.40 5.14
CA CYS A 332 -8.98 -18.95 4.41
C CYS A 332 -8.99 -20.47 4.52
N ALA A 333 -7.83 -21.09 4.37
CA ALA A 333 -7.72 -22.54 4.48
C ALA A 333 -8.11 -22.99 5.87
N MET A 334 -7.70 -22.22 6.88
CA MET A 334 -8.05 -22.55 8.25
C MET A 334 -9.56 -22.60 8.38
N PHE A 335 -10.20 -21.51 7.94
CA PHE A 335 -11.65 -21.34 8.00
C PHE A 335 -12.46 -22.42 7.28
N HIS A 336 -12.02 -22.79 6.09
CA HIS A 336 -12.75 -23.77 5.29
C HIS A 336 -12.37 -25.23 5.46
N ASN A 337 -11.11 -25.51 5.77
CA ASN A 337 -10.67 -26.90 5.86
C ASN A 337 -10.54 -27.58 7.21
N MET A 338 -10.46 -26.83 8.31
CA MET A 338 -10.34 -27.47 9.61
C MET A 338 -11.64 -28.14 10.01
N GLY A 339 -11.53 -29.22 10.78
CA GLY A 339 -12.71 -29.92 11.27
C GLY A 339 -13.31 -29.19 12.47
N GLU A 340 -14.39 -29.74 13.04
CA GLU A 340 -15.09 -29.10 14.17
C GLU A 340 -15.09 -29.88 15.47
N LEU A 341 -15.05 -29.13 16.57
CA LEU A 341 -15.05 -29.72 17.91
C LEU A 341 -16.21 -30.67 18.14
N ALA A 342 -17.42 -30.21 17.86
CA ALA A 342 -18.61 -31.02 18.07
C ALA A 342 -18.56 -32.35 17.36
N ALA A 343 -17.94 -32.39 16.18
CA ALA A 343 -17.86 -33.62 15.43
C ALA A 343 -16.91 -34.66 16.08
N SER A 344 -16.01 -34.20 16.93
CA SER A 344 -15.10 -35.11 17.61
C SER A 344 -15.51 -35.32 19.06
N ASN A 345 -16.69 -34.82 19.42
CA ASN A 345 -17.18 -34.97 20.78
C ASN A 345 -16.25 -34.32 21.80
N ILE A 346 -15.68 -33.17 21.46
CA ILE A 346 -14.80 -32.49 22.39
C ILE A 346 -15.55 -31.31 22.99
N VAL A 347 -15.62 -31.29 24.32
CA VAL A 347 -16.30 -30.22 25.04
C VAL A 347 -15.29 -29.50 25.92
N LEU A 348 -15.15 -28.20 25.72
CA LEU A 348 -14.22 -27.40 26.51
C LEU A 348 -14.99 -26.38 27.35
N PRO A 349 -14.48 -26.05 28.55
CA PRO A 349 -15.10 -25.08 29.46
C PRO A 349 -15.42 -23.75 28.78
N1 34A B . 13.49 -1.41 -5.91
C1 34A B . 14.82 -0.93 -6.18
C2 34A B . 15.25 0.30 -5.57
C3 34A B . 16.49 0.79 -5.82
C4 34A B . 17.38 0.12 -6.66
C5 34A B . 16.97 -1.11 -7.27
C6 34A B . 15.66 -1.61 -7.01
C7 34A B . 18.78 0.69 -6.90
C8 34A B . 17.92 -1.85 -8.19
P NCN C . 15.43 6.40 -1.96
O1P NCN C . 14.51 7.45 -1.43
O2P NCN C . 16.73 6.41 -1.23
O3P NCN C . 15.72 6.64 -3.55
O5' NCN C . 14.74 4.97 -1.80
C5' NCN C . 13.45 4.73 -2.41
C4' NCN C . 13.54 3.64 -3.30
O4' NCN C . 14.02 2.44 -2.61
C3' NCN C . 12.23 3.25 -3.98
O3' NCN C . 12.38 2.85 -5.37
C2' NCN C . 11.70 2.11 -3.03
O2' NCN C . 11.09 1.07 -3.84
C1' NCN C . 12.93 1.64 -2.22
N1 NCN C . 12.78 1.64 -0.70
C6 NCN C . 13.80 2.20 0.16
C5 NCN C . 13.49 2.11 1.53
C4 NCN C . 12.31 1.54 2.11
C3 NCN C . 11.38 1.02 1.11
C2 NCN C . 11.61 1.07 -0.26
C7 NCN C . 10.19 0.45 1.88
O7 NCN C . 10.03 0.43 3.08
O8 NCN C . 9.31 -0.04 0.99
#